data_8AYD
#
_entry.id   8AYD
#
_cell.length_a   75.350
_cell.length_b   75.350
_cell.length_c   179.780
_cell.angle_alpha   90.000
_cell.angle_beta   90.000
_cell.angle_gamma   90.000
#
_symmetry.space_group_name_H-M   'P 43 2 2'
#
loop_
_entity.id
_entity.type
_entity.pdbx_description
1 polymer '3-hydroxyacyl-[acyl-carrier-protein] dehydratase FabZ'
2 water water
#
_entity_poly.entity_id   1
_entity_poly.type   'polypeptide(L)'
_entity_poly.pdbx_seq_one_letter_code
;VLFEEIRSLLPQKYPFIFIDRAIEFEESKRIVCVKNISGNEPVFVGHFPDFAIMPGVLIIEAMAQASIILFRKSLPSRND
EDAVFLLASVNNARFTKPVVPGDQLTIEVIVEKIVSRGAIVQSVVKVQEKVVAKAALTFGIVEKSSLVLEHHHHHH
;
_entity_poly.pdbx_strand_id   AA,BA,CA
#
# COMPACT_ATOMS: atom_id res chain seq x y z
N VAL A 1 -18.19 -4.19 -7.29
CA VAL A 1 -17.13 -4.73 -8.15
C VAL A 1 -15.77 -4.34 -7.57
N LEU A 2 -15.08 -5.32 -7.01
CA LEU A 2 -13.82 -5.06 -6.32
C LEU A 2 -12.69 -4.83 -7.32
N PHE A 3 -11.52 -4.45 -6.80
CA PHE A 3 -10.44 -3.95 -7.65
C PHE A 3 -9.96 -4.98 -8.66
N GLU A 4 -10.06 -6.27 -8.35
CA GLU A 4 -9.43 -7.25 -9.21
C GLU A 4 -10.40 -7.92 -10.17
N GLU A 5 -11.68 -7.60 -10.08
CA GLU A 5 -12.53 -7.73 -11.24
C GLU A 5 -12.21 -6.64 -12.25
N ILE A 6 -11.81 -5.47 -11.75
CA ILE A 6 -11.48 -4.32 -12.58
C ILE A 6 -10.21 -4.57 -13.39
N ARG A 7 -9.27 -5.33 -12.84
CA ARG A 7 -7.94 -5.46 -13.46
C ARG A 7 -8.03 -6.07 -14.84
N SER A 8 -8.66 -7.25 -14.95
CA SER A 8 -8.81 -7.88 -16.26
C SER A 8 -9.83 -7.16 -17.14
N LEU A 9 -10.76 -6.40 -16.54
CA LEU A 9 -11.67 -5.59 -17.35
C LEU A 9 -10.93 -4.43 -18.02
N LEU A 10 -9.97 -3.84 -17.32
CA LEU A 10 -9.21 -2.74 -17.92
C LEU A 10 -8.01 -3.29 -18.69
N PRO A 11 -7.83 -2.88 -19.95
CA PRO A 11 -6.58 -3.22 -20.64
C PRO A 11 -5.37 -2.53 -20.06
N GLN A 12 -5.57 -1.44 -19.32
CA GLN A 12 -4.47 -0.69 -18.72
C GLN A 12 -3.98 -1.39 -17.46
N LYS A 13 -2.66 -1.42 -17.29
CA LYS A 13 -2.01 -1.86 -16.07
C LYS A 13 -1.14 -0.71 -15.56
N TYR A 14 -0.67 -0.82 -14.33
CA TYR A 14 0.15 0.27 -13.78
C TYR A 14 1.39 0.48 -14.63
N PRO A 15 1.85 1.74 -14.79
CA PRO A 15 1.42 2.91 -13.99
C PRO A 15 0.22 3.72 -14.46
N PHE A 16 -0.74 3.09 -15.12
CA PHE A 16 -1.77 3.90 -15.75
C PHE A 16 -3.16 3.35 -15.42
N ILE A 17 -3.34 2.87 -14.19
CA ILE A 17 -4.63 2.43 -13.68
C ILE A 17 -5.21 3.55 -12.83
N PHE A 18 -6.47 3.91 -13.09
CA PHE A 18 -7.10 4.98 -12.33
C PHE A 18 -8.50 4.59 -11.85
N ILE A 19 -8.76 3.29 -11.74
CA ILE A 19 -10.00 2.77 -11.18
C ILE A 19 -9.64 1.78 -10.08
N ASP A 20 -10.30 1.91 -8.92
CA ASP A 20 -10.07 1.02 -7.81
C ASP A 20 -11.26 0.17 -7.41
N ARG A 21 -12.49 0.60 -7.73
CA ARG A 21 -13.68 -0.11 -7.32
C ARG A 21 -14.88 0.50 -8.02
N ALA A 22 -15.87 -0.34 -8.32
CA ALA A 22 -17.12 0.10 -8.94
C ALA A 22 -18.26 -0.13 -7.95
N ILE A 23 -18.95 0.95 -7.60
CA ILE A 23 -20.04 0.89 -6.62
C ILE A 23 -21.35 0.45 -7.26
N GLU A 24 -21.75 1.12 -8.34
CA GLU A 24 -23.03 0.87 -8.99
C GLU A 24 -22.77 0.50 -10.44
N PHE A 25 -23.78 -0.13 -11.06
CA PHE A 25 -23.65 -0.54 -12.45
C PHE A 25 -25.03 -0.81 -13.03
N GLU A 26 -25.37 -0.11 -14.10
CA GLU A 26 -26.54 -0.41 -14.91
C GLU A 26 -26.03 -0.90 -16.26
N GLU A 27 -26.51 -2.07 -16.68
CA GLU A 27 -25.76 -2.95 -17.58
C GLU A 27 -25.18 -2.22 -18.79
N SER A 28 -25.92 -1.29 -19.38
CA SER A 28 -25.37 -0.62 -20.55
C SER A 28 -25.66 0.88 -20.61
N LYS A 29 -26.00 1.53 -19.49
CA LYS A 29 -26.24 2.96 -19.57
C LYS A 29 -25.51 3.76 -18.49
N ARG A 30 -25.32 3.17 -17.31
CA ARG A 30 -24.79 3.94 -16.19
C ARG A 30 -23.83 3.10 -15.36
N ILE A 31 -22.78 3.74 -14.87
CA ILE A 31 -21.85 3.14 -13.92
C ILE A 31 -21.27 4.26 -13.06
N VAL A 32 -20.93 3.93 -11.82
CA VAL A 32 -20.15 4.81 -10.97
C VAL A 32 -18.98 4.01 -10.41
N CYS A 33 -17.81 4.65 -10.33
CA CYS A 33 -16.60 3.99 -9.91
C CYS A 33 -15.86 4.88 -8.93
N VAL A 34 -14.92 4.28 -8.19
CA VAL A 34 -14.18 4.97 -7.15
C VAL A 34 -12.69 4.95 -7.48
N LYS A 35 -12.04 6.08 -7.27
CA LYS A 35 -10.58 6.20 -7.38
C LYS A 35 -10.05 6.84 -6.11
N ASN A 36 -9.21 6.12 -5.39
CA ASN A 36 -8.55 6.67 -4.21
C ASN A 36 -7.31 7.45 -4.62
N ILE A 37 -7.20 8.67 -4.15
CA ILE A 37 -6.05 9.53 -4.42
C ILE A 37 -5.13 9.44 -3.22
N SER A 38 -3.97 8.81 -3.40
CA SER A 38 -3.00 8.63 -2.34
C SER A 38 -1.68 9.29 -2.73
N GLY A 39 -1.03 9.92 -1.75
CA GLY A 39 0.24 10.59 -2.00
C GLY A 39 1.37 9.67 -2.43
N ASN A 40 1.17 8.36 -2.35
CA ASN A 40 2.19 7.39 -2.73
C ASN A 40 2.11 7.01 -4.21
N GLU A 41 1.30 7.71 -5.00
CA GLU A 41 1.20 7.41 -6.42
C GLU A 41 2.35 8.07 -7.19
N PRO A 42 2.72 7.51 -8.35
CA PRO A 42 3.95 7.98 -9.02
C PRO A 42 3.86 9.38 -9.60
N VAL A 43 2.66 9.84 -9.99
CA VAL A 43 2.56 11.13 -10.66
C VAL A 43 2.82 12.29 -9.70
N PHE A 44 2.59 12.10 -8.40
CA PHE A 44 2.73 13.17 -7.43
C PHE A 44 4.18 13.58 -7.16
N VAL A 45 5.16 12.80 -7.64
CA VAL A 45 6.55 13.14 -7.41
C VAL A 45 6.94 14.35 -8.26
N GLY A 46 6.39 14.44 -9.47
CA GLY A 46 6.76 15.51 -10.37
C GLY A 46 5.62 16.45 -10.70
N HIS A 47 4.44 16.19 -10.17
CA HIS A 47 3.27 17.05 -10.40
C HIS A 47 2.50 17.21 -9.08
N PHE A 48 2.90 18.18 -8.28
CA PHE A 48 4.13 18.96 -8.48
C PHE A 48 5.05 18.67 -7.30
N PRO A 49 6.35 18.97 -7.44
CA PRO A 49 7.25 18.83 -6.29
C PRO A 49 6.83 19.70 -5.11
N ASP A 50 6.34 20.91 -5.37
CA ASP A 50 5.97 21.82 -4.29
C ASP A 50 4.56 21.53 -3.77
N PHE A 51 3.62 21.24 -4.66
CA PHE A 51 2.24 21.00 -4.28
C PHE A 51 1.69 19.81 -5.05
N ALA A 52 1.18 18.81 -4.33
CA ALA A 52 0.70 17.58 -4.93
C ALA A 52 -0.76 17.74 -5.34
N ILE A 53 -1.01 17.73 -6.65
CA ILE A 53 -2.35 17.85 -7.20
C ILE A 53 -2.50 16.86 -8.34
N MET A 54 -3.66 16.21 -8.41
CA MET A 54 -3.93 15.29 -9.51
C MET A 54 -4.08 16.06 -10.81
N PRO A 55 -3.32 15.73 -11.86
CA PRO A 55 -3.47 16.42 -13.13
C PRO A 55 -4.88 16.23 -13.70
N GLY A 56 -5.32 17.24 -14.45
CA GLY A 56 -6.65 17.18 -15.05
C GLY A 56 -6.78 16.12 -16.12
N VAL A 57 -5.70 15.90 -16.88
CA VAL A 57 -5.75 14.90 -17.96
C VAL A 57 -5.90 13.50 -17.38
N LEU A 58 -5.36 13.25 -16.18
CA LEU A 58 -5.52 11.95 -15.57
C LEU A 58 -6.93 11.75 -15.02
N ILE A 59 -7.65 12.83 -14.73
CA ILE A 59 -9.04 12.70 -14.33
C ILE A 59 -9.90 12.32 -15.54
N ILE A 60 -9.56 12.85 -16.71
CA ILE A 60 -10.24 12.44 -17.95
C ILE A 60 -10.00 10.96 -18.21
N GLU A 61 -8.77 10.49 -17.96
CA GLU A 61 -8.48 9.06 -18.11
C GLU A 61 -9.26 8.24 -17.09
N ALA A 62 -9.42 8.78 -15.87
CA ALA A 62 -10.26 8.11 -14.89
C ALA A 62 -11.71 8.05 -15.35
N MET A 63 -12.16 9.08 -16.06
CA MET A 63 -13.48 9.02 -16.69
C MET A 63 -13.49 7.97 -17.79
N ALA A 64 -12.43 7.91 -18.60
CA ALA A 64 -12.40 6.99 -19.74
C ALA A 64 -12.32 5.54 -19.28
N GLN A 65 -11.54 5.26 -18.23
CA GLN A 65 -11.41 3.89 -17.75
C GLN A 65 -12.71 3.41 -17.12
N ALA A 66 -13.46 4.30 -16.49
CA ALA A 66 -14.79 3.92 -15.98
C ALA A 66 -15.75 3.64 -17.13
N SER A 67 -15.54 4.28 -18.28
CA SER A 67 -16.38 3.99 -19.44
C SER A 67 -16.04 2.64 -20.05
N ILE A 68 -14.75 2.30 -20.12
CA ILE A 68 -14.34 1.03 -20.69
C ILE A 68 -14.88 -0.13 -19.87
N ILE A 69 -14.91 0.03 -18.54
CA ILE A 69 -15.44 -1.02 -17.67
C ILE A 69 -16.92 -1.22 -17.93
N LEU A 70 -17.67 -0.13 -18.09
CA LEU A 70 -19.08 -0.25 -18.48
C LEU A 70 -19.21 -0.95 -19.82
N PHE A 71 -18.36 -0.61 -20.78
CA PHE A 71 -18.51 -1.13 -22.14
C PHE A 71 -18.21 -2.61 -22.21
N ARG A 72 -17.20 -3.07 -21.47
CA ARG A 72 -16.79 -4.48 -21.50
C ARG A 72 -17.45 -5.31 -20.41
N LYS A 73 -18.30 -4.71 -19.58
CA LYS A 73 -19.32 -5.45 -18.84
C LYS A 73 -20.65 -5.43 -19.57
N SER A 74 -20.65 -5.02 -20.84
CA SER A 74 -21.84 -4.78 -21.65
C SER A 74 -21.68 -5.40 -23.02
N LEU A 75 -21.32 -6.68 -23.05
CA LEU A 75 -21.14 -7.46 -24.27
C LEU A 75 -19.83 -7.06 -24.96
N VAL A 84 -9.23 -2.89 -27.03
CA VAL A 84 -8.67 -1.58 -27.35
C VAL A 84 -9.77 -0.54 -27.49
N PHE A 85 -9.88 0.37 -26.54
CA PHE A 85 -10.75 1.53 -26.67
C PHE A 85 -9.87 2.76 -26.61
N LEU A 86 -9.85 3.55 -27.67
CA LEU A 86 -9.02 4.74 -27.76
C LEU A 86 -9.87 5.98 -27.65
N LEU A 87 -9.53 6.85 -26.69
CA LEU A 87 -10.24 8.12 -26.54
C LEU A 87 -9.91 9.03 -27.71
N ALA A 88 -10.95 9.46 -28.44
CA ALA A 88 -10.76 10.21 -29.67
C ALA A 88 -11.32 11.63 -29.63
N SER A 89 -12.22 11.95 -28.70
CA SER A 89 -12.80 13.28 -28.63
C SER A 89 -13.04 13.68 -27.19
N VAL A 90 -12.63 14.89 -26.83
CA VAL A 90 -12.91 15.47 -25.52
C VAL A 90 -13.66 16.77 -25.77
N ASN A 91 -14.87 16.87 -25.24
CA ASN A 91 -15.72 18.04 -25.43
C ASN A 91 -16.28 18.52 -24.11
N ASN A 92 -16.28 19.84 -23.93
CA ASN A 92 -16.92 20.50 -22.80
C ASN A 92 -16.34 20.05 -21.47
N ALA A 93 -15.06 19.69 -21.46
CA ALA A 93 -14.41 19.25 -20.23
C ALA A 93 -14.17 20.47 -19.34
N ARG A 94 -14.73 20.42 -18.13
CA ARG A 94 -14.58 21.48 -17.14
C ARG A 94 -13.94 20.90 -15.88
N PHE A 95 -12.95 21.63 -15.35
CA PHE A 95 -12.25 21.24 -14.12
C PHE A 95 -12.46 22.34 -13.09
N THR A 96 -13.05 21.99 -11.95
CA THR A 96 -13.51 22.98 -10.99
C THR A 96 -12.63 23.10 -9.76
N LYS A 97 -12.40 22.01 -9.03
CA LYS A 97 -11.70 22.09 -7.76
C LYS A 97 -10.43 21.26 -7.80
N PRO A 98 -9.35 21.74 -7.19
CA PRO A 98 -8.13 20.91 -7.09
C PRO A 98 -8.41 19.58 -6.39
N VAL A 99 -7.81 18.52 -6.93
CA VAL A 99 -7.92 17.18 -6.38
C VAL A 99 -6.63 16.87 -5.62
N VAL A 100 -6.77 16.54 -4.35
CA VAL A 100 -5.64 16.46 -3.42
C VAL A 100 -5.48 15.01 -2.97
N PRO A 101 -4.25 14.54 -2.72
CA PRO A 101 -4.08 13.24 -2.06
C PRO A 101 -4.88 13.17 -0.77
N GLY A 102 -5.67 12.10 -0.64
CA GLY A 102 -6.62 11.96 0.45
C GLY A 102 -8.07 11.99 0.00
N ASP A 103 -8.34 12.41 -1.23
CA ASP A 103 -9.70 12.50 -1.76
C ASP A 103 -10.10 11.19 -2.43
N GLN A 104 -11.40 10.96 -2.50
CA GLN A 104 -11.98 9.86 -3.28
C GLN A 104 -12.73 10.44 -4.46
N LEU A 105 -12.38 9.98 -5.67
CA LEU A 105 -13.10 10.35 -6.87
C LEU A 105 -14.29 9.41 -7.06
N THR A 106 -15.50 9.98 -7.03
CA THR A 106 -16.72 9.26 -7.38
C THR A 106 -17.01 9.59 -8.84
N ILE A 107 -16.64 8.67 -9.73
CA ILE A 107 -16.64 8.91 -11.17
C ILE A 107 -17.96 8.39 -11.73
N GLU A 108 -18.71 9.26 -12.39
CA GLU A 108 -20.00 8.90 -12.95
C GLU A 108 -19.88 8.87 -14.47
N VAL A 109 -20.51 7.90 -15.11
CA VAL A 109 -20.51 7.79 -16.57
C VAL A 109 -21.91 7.48 -17.05
N ILE A 110 -22.42 8.30 -17.97
CA ILE A 110 -23.70 8.08 -18.62
C ILE A 110 -23.43 7.85 -20.11
N VAL A 111 -24.14 6.89 -20.70
CA VAL A 111 -23.90 6.49 -22.07
C VAL A 111 -24.89 7.21 -22.98
N GLU A 112 -24.37 7.72 -24.10
CA GLU A 112 -25.07 8.58 -25.03
C GLU A 112 -25.25 7.96 -26.41
N LYS A 113 -24.36 7.06 -26.83
CA LYS A 113 -24.45 6.32 -28.08
C LYS A 113 -23.38 5.25 -28.08
N ILE A 114 -23.73 4.05 -28.55
CA ILE A 114 -22.76 2.96 -28.74
C ILE A 114 -22.92 2.48 -30.18
N VAL A 115 -23.33 3.39 -31.06
CA VAL A 115 -23.86 3.03 -32.37
C VAL A 115 -22.92 3.43 -33.51
N SER A 116 -21.82 4.13 -33.22
CA SER A 116 -20.95 4.69 -34.25
C SER A 116 -19.57 4.05 -34.26
N ARG A 117 -19.48 2.77 -33.90
CA ARG A 117 -18.21 2.07 -33.68
C ARG A 117 -17.28 2.92 -32.82
N GLY A 118 -17.75 3.04 -31.59
CA GLY A 118 -17.24 4.02 -30.65
C GLY A 118 -18.35 4.28 -29.65
N ALA A 119 -18.16 5.32 -28.84
CA ALA A 119 -19.18 5.63 -27.86
C ALA A 119 -19.05 7.06 -27.40
N ILE A 120 -20.16 7.79 -27.46
CA ILE A 120 -20.26 9.11 -26.86
C ILE A 120 -20.74 8.91 -25.42
N VAL A 121 -19.97 9.41 -24.46
CA VAL A 121 -20.34 9.34 -23.06
C VAL A 121 -20.19 10.73 -22.45
N GLN A 122 -20.84 10.94 -21.31
CA GLN A 122 -20.83 12.22 -20.62
C GLN A 122 -20.62 11.93 -19.14
N SER A 123 -19.48 12.37 -18.61
CA SER A 123 -19.01 11.91 -17.30
C SER A 123 -18.94 13.07 -16.31
N VAL A 124 -19.17 12.75 -15.04
CA VAL A 124 -19.12 13.71 -13.95
C VAL A 124 -18.35 13.08 -12.78
N VAL A 125 -17.30 13.77 -12.32
CA VAL A 125 -16.47 13.31 -11.22
C VAL A 125 -16.72 14.21 -10.01
N LYS A 126 -16.78 13.62 -8.83
CA LYS A 126 -17.12 14.35 -7.63
C LYS A 126 -16.22 13.93 -6.47
N VAL A 127 -15.91 14.91 -5.61
CA VAL A 127 -15.29 14.67 -4.31
C VAL A 127 -16.43 14.93 -3.34
N GLN A 128 -16.22 14.74 -2.03
CA GLN A 128 -17.11 13.91 -1.22
C GLN A 128 -18.51 13.85 -1.81
N GLU A 129 -19.15 15.00 -2.01
CA GLU A 129 -20.47 15.03 -2.64
C GLU A 129 -20.63 16.25 -3.54
N LYS A 130 -19.53 16.86 -3.98
CA LYS A 130 -19.56 18.06 -4.81
C LYS A 130 -18.75 17.81 -6.08
N VAL A 131 -19.19 18.42 -7.18
CA VAL A 131 -18.60 18.17 -8.48
C VAL A 131 -17.22 18.82 -8.58
N VAL A 132 -16.27 18.10 -9.14
CA VAL A 132 -14.94 18.64 -9.40
C VAL A 132 -14.54 18.58 -10.87
N ALA A 133 -15.23 17.79 -11.69
CA ALA A 133 -14.87 17.69 -13.10
C ALA A 133 -16.03 17.11 -13.88
N LYS A 134 -16.12 17.49 -15.15
CA LYS A 134 -17.09 16.92 -16.08
C LYS A 134 -16.46 16.91 -17.47
N ALA A 135 -16.98 16.03 -18.33
CA ALA A 135 -16.49 15.94 -19.70
C ALA A 135 -17.45 15.10 -20.52
N ALA A 136 -17.42 15.34 -21.83
CA ALA A 136 -18.17 14.54 -22.81
C ALA A 136 -17.13 13.83 -23.69
N LEU A 137 -17.05 12.52 -23.56
CA LEU A 137 -15.99 11.74 -24.18
C LEU A 137 -16.53 10.90 -25.32
N THR A 138 -15.68 10.66 -26.32
CA THR A 138 -16.04 9.86 -27.49
C THR A 138 -14.85 8.99 -27.87
N PHE A 139 -15.08 7.67 -28.00
CA PHE A 139 -13.96 6.76 -28.23
C PHE A 139 -14.07 6.16 -29.63
N GLY A 140 -13.06 5.37 -29.98
CA GLY A 140 -13.08 4.60 -31.21
C GLY A 140 -12.59 3.20 -30.95
N ILE A 141 -13.13 2.25 -31.71
CA ILE A 141 -12.92 0.82 -31.46
C ILE A 141 -12.08 0.26 -32.59
N VAL A 142 -10.85 -0.18 -32.25
CA VAL A 142 -9.92 -0.77 -33.22
C VAL A 142 -9.28 -1.98 -32.54
N GLU A 143 -8.85 -2.95 -33.35
CA GLU A 143 -8.14 -4.12 -32.84
C GLU A 143 -7.17 -4.61 -33.91
N LYS A 144 -5.88 -4.31 -33.74
CA LYS A 144 -4.83 -4.74 -34.67
C LYS A 144 -5.18 -4.36 -36.11
N SER A 145 -5.20 -3.04 -36.34
CA SER A 145 -5.41 -2.51 -37.67
C SER A 145 -4.39 -3.03 -38.67
N SER A 146 -3.11 -2.95 -38.31
CA SER A 146 -1.99 -3.27 -39.20
C SER A 146 -2.05 -2.41 -40.46
N VAL B 1 -5.30 18.17 9.23
CA VAL B 1 -3.95 18.22 8.68
C VAL B 1 -3.95 17.61 7.28
N LEU B 2 -3.78 18.45 6.26
CA LEU B 2 -3.79 17.98 4.88
C LEU B 2 -2.40 17.51 4.46
N PHE B 3 -2.31 17.05 3.21
CA PHE B 3 -1.16 16.26 2.80
C PHE B 3 0.12 17.08 2.72
N GLU B 4 0.03 18.38 2.43
CA GLU B 4 1.24 19.17 2.30
C GLU B 4 1.93 19.38 3.64
N GLU B 5 1.15 19.41 4.73
CA GLU B 5 1.78 19.36 6.05
C GLU B 5 2.31 17.95 6.33
N ILE B 6 1.56 16.92 5.95
CA ILE B 6 1.99 15.53 6.14
C ILE B 6 3.36 15.31 5.50
N ARG B 7 3.56 15.88 4.29
CA ARG B 7 4.80 15.63 3.56
C ARG B 7 5.96 16.43 4.13
N SER B 8 5.70 17.61 4.67
CA SER B 8 6.77 18.36 5.33
C SER B 8 7.06 17.82 6.72
N LEU B 9 6.07 17.22 7.38
CA LEU B 9 6.27 16.68 8.72
C LEU B 9 6.92 15.30 8.68
N LEU B 10 6.55 14.47 7.71
CA LEU B 10 7.14 13.14 7.64
C LEU B 10 8.56 13.20 7.07
N PRO B 11 9.50 12.45 7.66
CA PRO B 11 10.81 12.30 7.01
C PRO B 11 10.79 11.35 5.84
N GLN B 12 9.76 10.52 5.70
CA GLN B 12 9.65 9.58 4.59
C GLN B 12 8.99 10.27 3.40
N LYS B 13 9.63 10.16 2.24
CA LYS B 13 9.09 10.65 0.98
C LYS B 13 8.90 9.44 0.06
N TYR B 14 8.28 9.67 -1.10
CA TYR B 14 7.98 8.52 -1.97
C TYR B 14 9.27 7.89 -2.47
N PRO B 15 9.31 6.54 -2.58
CA PRO B 15 8.12 5.67 -2.48
C PRO B 15 7.74 5.13 -1.12
N PHE B 16 7.79 5.94 -0.08
CA PHE B 16 7.57 5.34 1.23
C PHE B 16 6.65 6.22 2.09
N ILE B 17 5.71 6.91 1.44
CA ILE B 17 4.71 7.71 2.14
C ILE B 17 3.46 6.86 2.32
N PHE B 18 2.98 6.75 3.55
CA PHE B 18 1.81 5.93 3.85
C PHE B 18 0.78 6.68 4.68
N ILE B 19 0.81 8.01 4.66
CA ILE B 19 -0.20 8.86 5.29
C ILE B 19 -0.64 9.89 4.27
N ASP B 20 -1.94 10.07 4.12
CA ASP B 20 -2.48 11.05 3.18
C ASP B 20 -3.02 12.30 3.86
N ARG B 21 -3.65 12.18 5.02
CA ARG B 21 -4.11 13.33 5.79
C ARG B 21 -4.46 12.87 7.19
N ALA B 22 -4.57 13.84 8.09
CA ALA B 22 -5.05 13.62 9.44
C ALA B 22 -6.36 14.34 9.64
N ILE B 23 -7.31 13.68 10.32
CA ILE B 23 -8.66 14.19 10.48
C ILE B 23 -8.92 14.67 11.91
N GLU B 24 -8.38 13.97 12.91
CA GLU B 24 -8.43 14.45 14.28
C GLU B 24 -7.10 14.21 14.98
N PHE B 25 -6.60 15.26 15.62
CA PHE B 25 -5.30 15.31 16.28
C PHE B 25 -5.41 16.11 17.56
N GLU B 26 -4.95 15.52 18.68
CA GLU B 26 -4.93 16.26 19.96
C GLU B 26 -3.60 16.09 20.69
N GLU B 27 -2.60 16.90 20.29
CA GLU B 27 -1.48 17.32 21.12
C GLU B 27 -0.90 16.30 22.09
N SER B 28 -0.25 15.26 21.57
CA SER B 28 0.56 14.30 22.34
C SER B 28 -0.26 13.26 23.08
N LYS B 29 -1.51 13.05 22.70
CA LYS B 29 -2.34 12.05 23.36
C LYS B 29 -2.84 10.98 22.42
N ARG B 30 -3.33 11.38 21.25
CA ARG B 30 -4.09 10.58 20.29
C ARG B 30 -4.15 11.29 18.95
N ILE B 31 -3.95 10.52 17.86
CA ILE B 31 -4.12 11.04 16.52
C ILE B 31 -4.85 10.02 15.64
N VAL B 32 -5.54 10.51 14.61
CA VAL B 32 -6.21 9.66 13.63
C VAL B 32 -5.89 10.15 12.23
N CYS B 33 -5.35 9.26 11.40
CA CYS B 33 -4.93 9.57 10.04
C CYS B 33 -5.63 8.65 9.05
N VAL B 34 -5.61 9.04 7.78
CA VAL B 34 -6.28 8.34 6.70
C VAL B 34 -5.27 7.96 5.64
N LYS B 35 -5.30 6.70 5.21
CA LYS B 35 -4.49 6.21 4.10
C LYS B 35 -5.42 5.64 3.04
N ASN B 36 -5.35 6.20 1.82
CA ASN B 36 -6.08 5.67 0.69
C ASN B 36 -5.27 4.57 0.02
N ILE B 37 -5.89 3.41 -0.17
CA ILE B 37 -5.24 2.29 -0.84
C ILE B 37 -5.66 2.33 -2.30
N SER B 38 -4.69 2.55 -3.18
CA SER B 38 -4.94 2.68 -4.61
C SER B 38 -4.21 1.58 -5.37
N GLY B 39 -4.86 1.04 -6.39
CA GLY B 39 -4.25 0.02 -7.22
C GLY B 39 -3.09 0.51 -8.06
N ASN B 40 -2.90 1.83 -8.16
CA ASN B 40 -1.83 2.42 -8.95
C ASN B 40 -0.59 2.69 -8.12
N GLU B 41 -0.50 2.15 -6.89
CA GLU B 41 0.66 2.34 -6.03
C GLU B 41 1.78 1.38 -6.41
N PRO B 42 3.04 1.75 -6.15
CA PRO B 42 4.16 0.95 -6.66
C PRO B 42 4.31 -0.42 -6.04
N VAL B 43 3.78 -0.65 -4.83
CA VAL B 43 4.00 -1.94 -4.18
C VAL B 43 3.12 -3.04 -4.77
N PHE B 44 1.98 -2.68 -5.38
CA PHE B 44 1.00 -3.68 -5.80
C PHE B 44 1.39 -4.40 -7.09
N VAL B 45 2.34 -3.88 -7.86
CA VAL B 45 2.82 -4.62 -9.02
C VAL B 45 3.62 -5.84 -8.60
N GLY B 46 4.17 -5.81 -7.38
CA GLY B 46 4.98 -6.92 -6.90
C GLY B 46 4.35 -7.72 -5.77
N HIS B 47 3.37 -7.13 -5.07
CA HIS B 47 2.73 -7.77 -3.93
C HIS B 47 1.22 -7.61 -4.03
N PHE B 48 0.55 -8.51 -4.75
CA PHE B 48 1.21 -9.51 -5.58
C PHE B 48 0.82 -9.22 -7.02
N PRO B 49 1.60 -9.69 -7.99
CA PRO B 49 1.12 -9.65 -9.38
C PRO B 49 -0.14 -10.47 -9.57
N ASP B 50 -0.28 -11.56 -8.82
CA ASP B 50 -1.46 -12.42 -8.92
C ASP B 50 -2.66 -11.84 -8.18
N PHE B 51 -2.42 -11.15 -7.06
CA PHE B 51 -3.51 -10.70 -6.20
C PHE B 51 -3.01 -9.57 -5.31
N ALA B 52 -3.55 -8.38 -5.52
CA ALA B 52 -3.01 -7.15 -4.92
C ALA B 52 -3.49 -7.02 -3.48
N ILE B 53 -2.60 -7.27 -2.53
CA ILE B 53 -2.88 -7.12 -1.10
C ILE B 53 -1.91 -6.09 -0.55
N MET B 54 -2.40 -5.22 0.32
CA MET B 54 -1.53 -4.32 1.05
C MET B 54 -0.66 -5.14 2.00
N PRO B 55 0.67 -5.10 1.88
CA PRO B 55 1.52 -5.90 2.76
C PRO B 55 1.32 -5.51 4.22
N GLY B 56 1.35 -6.52 5.09
CA GLY B 56 1.14 -6.26 6.50
C GLY B 56 2.21 -5.36 7.10
N VAL B 57 3.46 -5.55 6.68
CA VAL B 57 4.55 -4.74 7.21
C VAL B 57 4.35 -3.26 6.90
N LEU B 58 3.78 -2.95 5.74
CA LEU B 58 3.56 -1.55 5.39
C LEU B 58 2.38 -0.94 6.15
N ILE B 59 1.51 -1.77 6.71
CA ILE B 59 0.49 -1.27 7.62
C ILE B 59 1.15 -0.84 8.94
N ILE B 60 2.20 -1.55 9.36
CA ILE B 60 2.96 -1.15 10.54
C ILE B 60 3.65 0.18 10.29
N GLU B 61 4.25 0.34 9.11
CA GLU B 61 4.89 1.61 8.77
C GLU B 61 3.86 2.73 8.73
N ALA B 62 2.65 2.43 8.26
CA ALA B 62 1.57 3.42 8.29
C ALA B 62 1.21 3.79 9.73
N MET B 63 1.20 2.79 10.63
CA MET B 63 1.06 3.08 12.05
C MET B 63 2.21 3.95 12.54
N ALA B 64 3.43 3.67 12.07
CA ALA B 64 4.60 4.40 12.54
C ALA B 64 4.60 5.83 12.04
N GLN B 65 4.31 6.03 10.75
CA GLN B 65 4.31 7.38 10.20
C GLN B 65 3.20 8.24 10.79
N ALA B 66 2.09 7.63 11.20
CA ALA B 66 0.99 8.40 11.77
C ALA B 66 1.37 9.00 13.11
N SER B 67 2.13 8.25 13.93
CA SER B 67 2.57 8.77 15.22
C SER B 67 3.77 9.70 15.10
N ILE B 68 4.58 9.56 14.06
CA ILE B 68 5.62 10.55 13.79
C ILE B 68 5.01 11.90 13.53
N ILE B 69 3.86 11.93 12.84
CA ILE B 69 3.08 13.16 12.72
C ILE B 69 2.67 13.66 14.10
N LEU B 70 2.22 12.75 14.96
CA LEU B 70 1.80 13.10 16.31
C LEU B 70 2.99 13.51 17.17
N PHE B 71 4.08 12.74 17.12
CA PHE B 71 5.27 13.08 17.90
C PHE B 71 5.77 14.47 17.56
N ARG B 72 5.68 14.87 16.28
CA ARG B 72 6.41 16.03 15.79
C ARG B 72 5.56 17.28 15.68
N LYS B 73 4.23 17.17 15.66
CA LYS B 73 3.37 18.33 15.88
C LYS B 73 3.26 18.68 17.35
N SER B 74 4.16 18.14 18.16
CA SER B 74 4.11 18.18 19.61
C SER B 74 5.47 18.56 20.17
N LEU B 75 6.02 19.67 19.67
CA LEU B 75 7.30 20.21 20.09
C LEU B 75 8.46 19.33 19.63
N ALA B 83 15.83 14.84 12.54
CA ALA B 83 15.35 13.73 13.35
C ALA B 83 14.69 12.67 12.47
N VAL B 84 15.16 11.43 12.60
CA VAL B 84 14.62 10.30 11.85
C VAL B 84 14.09 9.30 12.87
N PHE B 85 12.79 9.31 13.12
CA PHE B 85 12.24 8.40 14.13
C PHE B 85 12.22 6.99 13.54
N LEU B 86 12.97 6.09 14.17
CA LEU B 86 13.17 4.75 13.64
C LEU B 86 12.51 3.73 14.56
N LEU B 87 11.97 2.68 13.96
CA LEU B 87 11.24 1.67 14.71
C LEU B 87 12.21 0.78 15.48
N ALA B 88 11.95 0.60 16.79
CA ALA B 88 12.83 -0.16 17.65
C ALA B 88 12.21 -1.46 18.15
N SER B 89 10.89 -1.52 18.31
CA SER B 89 10.23 -2.73 18.79
C SER B 89 8.80 -2.77 18.29
N VAL B 90 8.30 -3.99 18.10
CA VAL B 90 6.90 -4.25 17.74
C VAL B 90 6.43 -5.44 18.54
N ASN B 91 5.36 -5.25 19.33
CA ASN B 91 4.74 -6.33 20.09
C ASN B 91 3.23 -6.30 19.90
N ASN B 92 2.62 -7.48 20.04
CA ASN B 92 1.17 -7.66 19.92
C ASN B 92 0.66 -7.12 18.58
N ALA B 93 1.40 -7.41 17.52
CA ALA B 93 0.99 -7.04 16.16
C ALA B 93 0.06 -8.14 15.63
N ARG B 94 -1.21 -7.81 15.45
CA ARG B 94 -2.23 -8.74 15.00
C ARG B 94 -2.86 -8.20 13.72
N PHE B 95 -2.88 -9.03 12.67
CA PHE B 95 -3.49 -8.61 11.41
C PHE B 95 -4.53 -9.66 11.06
N THR B 96 -5.73 -9.23 10.68
CA THR B 96 -6.85 -10.15 10.46
C THR B 96 -7.29 -10.22 9.01
N LYS B 97 -7.67 -9.08 8.42
CA LYS B 97 -8.32 -9.12 7.11
C LYS B 97 -7.43 -8.51 6.04
N PRO B 98 -7.40 -9.10 4.84
CA PRO B 98 -6.66 -8.48 3.73
C PRO B 98 -7.29 -7.14 3.34
N VAL B 99 -6.45 -6.12 3.23
CA VAL B 99 -6.88 -4.80 2.78
C VAL B 99 -6.38 -4.60 1.36
N VAL B 100 -7.28 -4.20 0.46
CA VAL B 100 -7.03 -4.20 -0.97
C VAL B 100 -7.21 -2.79 -1.53
N PRO B 101 -6.81 -2.54 -2.79
CA PRO B 101 -7.12 -1.23 -3.39
C PRO B 101 -8.61 -0.95 -3.38
N GLY B 102 -8.96 0.28 -3.02
CA GLY B 102 -10.33 0.70 -2.83
C GLY B 102 -10.69 0.98 -1.39
N ASP B 103 -9.90 0.48 -0.44
CA ASP B 103 -10.18 0.65 0.98
C ASP B 103 -9.51 1.91 1.51
N GLN B 104 -10.10 2.47 2.55
CA GLN B 104 -9.48 3.52 3.35
C GLN B 104 -9.04 2.96 4.69
N LEU B 105 -7.81 3.27 5.07
CA LEU B 105 -7.28 2.89 6.38
C LEU B 105 -7.38 4.09 7.31
N THR B 106 -8.17 3.96 8.37
CA THR B 106 -8.30 4.99 9.40
C THR B 106 -7.36 4.61 10.53
N ILE B 107 -6.19 5.23 10.56
CA ILE B 107 -5.11 4.85 11.45
C ILE B 107 -5.24 5.62 12.76
N GLU B 108 -5.51 4.90 13.85
CA GLU B 108 -5.62 5.48 15.17
C GLU B 108 -4.35 5.16 15.96
N VAL B 109 -3.77 6.18 16.59
CA VAL B 109 -2.58 6.01 17.41
C VAL B 109 -2.83 6.68 18.76
N ILE B 110 -2.45 5.99 19.84
CA ILE B 110 -2.63 6.49 21.20
C ILE B 110 -1.30 6.43 21.92
N VAL B 111 -0.87 7.56 22.48
CA VAL B 111 0.43 7.63 23.16
C VAL B 111 0.29 7.04 24.55
N GLU B 112 1.28 6.22 24.93
CA GLU B 112 1.38 5.67 26.27
C GLU B 112 2.57 6.20 27.06
N LYS B 113 3.68 6.47 26.39
CA LYS B 113 4.86 7.03 27.04
C LYS B 113 5.68 7.73 25.96
N ILE B 114 6.11 8.95 26.25
CA ILE B 114 6.82 9.75 25.26
C ILE B 114 8.25 9.93 25.76
N VAL B 115 9.05 10.71 25.04
CA VAL B 115 10.45 10.39 24.78
C VAL B 115 11.21 9.94 26.01
N SER B 116 11.70 8.71 25.97
CA SER B 116 12.72 8.18 26.87
C SER B 116 13.99 7.96 26.07
N ARG B 117 14.28 8.89 25.16
CA ARG B 117 15.02 8.68 23.92
C ARG B 117 14.21 7.83 22.96
N GLY B 118 12.94 7.62 23.26
CA GLY B 118 12.05 6.83 22.43
C GLY B 118 10.65 6.87 23.01
N ALA B 119 9.68 6.62 22.14
CA ALA B 119 8.27 6.73 22.51
C ALA B 119 7.55 5.41 22.29
N ILE B 120 6.48 5.19 23.05
CA ILE B 120 5.69 3.98 23.00
C ILE B 120 4.24 4.36 22.68
N VAL B 121 3.64 3.68 21.72
CA VAL B 121 2.27 3.97 21.30
C VAL B 121 1.51 2.67 21.07
N GLN B 122 0.19 2.74 21.24
CA GLN B 122 -0.75 1.68 20.87
C GLN B 122 -1.52 2.16 19.65
N SER B 123 -1.56 1.35 18.59
CA SER B 123 -2.19 1.77 17.35
C SER B 123 -3.14 0.69 16.85
N VAL B 124 -4.30 1.14 16.37
CA VAL B 124 -5.32 0.26 15.78
C VAL B 124 -5.71 0.83 14.43
N VAL B 125 -5.63 0.00 13.39
CA VAL B 125 -6.00 0.40 12.03
C VAL B 125 -7.32 -0.27 11.69
N LYS B 126 -8.19 0.47 10.99
CA LYS B 126 -9.52 -0.01 10.65
C LYS B 126 -9.83 0.26 9.18
N VAL B 127 -10.69 -0.60 8.64
CA VAL B 127 -11.45 -0.34 7.43
C VAL B 127 -12.83 -0.04 8.02
N GLN B 128 -13.81 0.30 7.18
CA GLN B 128 -14.84 1.28 7.44
C GLN B 128 -15.17 1.45 8.93
N GLU B 129 -15.47 0.35 9.64
CA GLU B 129 -15.28 0.35 11.09
C GLU B 129 -14.81 -0.99 11.63
N LYS B 130 -14.56 -1.99 10.77
CA LYS B 130 -14.05 -3.28 11.21
C LYS B 130 -12.53 -3.23 11.37
N VAL B 131 -12.05 -3.70 12.52
CA VAL B 131 -10.62 -3.68 12.81
C VAL B 131 -9.90 -4.70 11.94
N VAL B 132 -8.81 -4.28 11.31
CA VAL B 132 -8.02 -5.15 10.46
C VAL B 132 -6.57 -5.28 10.89
N ALA B 133 -6.05 -4.38 11.73
CA ALA B 133 -4.67 -4.44 12.18
C ALA B 133 -4.52 -3.64 13.45
N LYS B 134 -3.71 -4.16 14.38
CA LYS B 134 -3.39 -3.45 15.61
C LYS B 134 -2.00 -3.86 16.06
N ALA B 135 -1.31 -2.95 16.73
CA ALA B 135 0.05 -3.20 17.18
C ALA B 135 0.43 -2.21 18.26
N ALA B 136 1.52 -2.53 18.96
CA ALA B 136 2.12 -1.66 19.97
C ALA B 136 3.54 -1.36 19.54
N LEU B 137 3.82 -0.10 19.25
CA LEU B 137 5.07 0.31 18.64
C LEU B 137 5.90 1.13 19.63
N THR B 138 7.23 0.95 19.56
CA THR B 138 8.16 1.77 20.31
C THR B 138 9.27 2.22 19.37
N PHE B 139 9.59 3.50 19.37
CA PHE B 139 10.56 4.01 18.41
C PHE B 139 11.83 4.42 19.16
N GLY B 140 12.78 4.94 18.39
CA GLY B 140 14.00 5.50 18.97
C GLY B 140 14.38 6.80 18.28
N ILE B 141 14.88 7.73 19.08
CA ILE B 141 15.34 9.02 18.56
C ILE B 141 16.87 9.00 18.54
N VAL B 142 17.44 9.80 17.64
CA VAL B 142 18.59 9.36 16.86
C VAL B 142 19.81 10.27 17.04
N GLU B 143 20.92 9.77 16.52
CA GLU B 143 22.20 10.47 16.39
C GLU B 143 22.22 11.29 15.11
N LYS B 144 23.42 11.72 14.74
CA LYS B 144 23.81 12.05 13.37
C LYS B 144 25.10 11.33 13.02
N SER B 145 25.13 10.03 13.31
CA SER B 145 26.29 9.18 13.06
C SER B 145 26.69 9.21 11.60
N LEU C 10 9.51 -16.98 -4.77
CA LEU C 10 8.68 -16.12 -3.93
C LEU C 10 7.42 -15.66 -4.64
N PRO C 11 6.29 -15.63 -3.91
CA PRO C 11 5.06 -15.10 -4.49
C PRO C 11 5.18 -13.65 -4.93
N GLN C 12 6.08 -12.87 -4.32
CA GLN C 12 6.25 -11.48 -4.66
C GLN C 12 7.29 -11.33 -5.77
N LYS C 13 7.32 -10.14 -6.36
CA LYS C 13 8.40 -9.72 -7.24
C LYS C 13 8.86 -8.33 -6.80
N TYR C 14 9.77 -7.71 -7.54
CA TYR C 14 10.08 -6.32 -7.28
C TYR C 14 8.86 -5.44 -7.58
N PRO C 15 8.64 -4.37 -6.79
CA PRO C 15 9.59 -3.80 -5.81
C PRO C 15 9.61 -4.39 -4.43
N PHE C 16 9.14 -5.62 -4.27
CA PHE C 16 8.93 -6.10 -2.92
C PHE C 16 9.53 -7.50 -2.76
N ILE C 17 10.70 -7.71 -3.37
CA ILE C 17 11.45 -8.96 -3.22
C ILE C 17 12.57 -8.69 -2.23
N PHE C 18 12.72 -9.57 -1.24
CA PHE C 18 13.68 -9.29 -0.17
C PHE C 18 14.48 -10.54 0.18
N ILE C 19 14.86 -11.30 -0.84
CA ILE C 19 15.75 -12.45 -0.70
C ILE C 19 16.52 -12.62 -2.01
N ASP C 20 17.78 -13.00 -1.90
CA ASP C 20 18.61 -13.32 -3.06
C ASP C 20 19.13 -14.75 -3.03
N ARG C 21 19.62 -15.22 -1.89
CA ARG C 21 20.19 -16.55 -1.78
C ARG C 21 19.80 -17.21 -0.47
N ALA C 22 19.49 -18.51 -0.54
CA ALA C 22 19.33 -19.36 0.63
C ALA C 22 20.57 -20.24 0.73
N ILE C 23 21.37 -20.03 1.77
CA ILE C 23 22.66 -20.70 1.89
C ILE C 23 22.53 -22.09 2.49
N GLU C 24 21.71 -22.22 3.52
CA GLU C 24 21.50 -23.47 4.24
C GLU C 24 20.02 -23.77 4.34
N PHE C 25 19.62 -24.96 3.91
CA PHE C 25 18.22 -25.37 3.95
C PHE C 25 18.09 -26.69 4.69
N GLU C 26 17.20 -26.72 5.67
CA GLU C 26 16.92 -27.91 6.45
C GLU C 26 15.42 -28.17 6.35
N GLU C 27 15.06 -29.38 5.90
CA GLU C 27 13.81 -29.63 5.19
C GLU C 27 12.61 -28.86 5.73
N SER C 28 12.33 -28.98 7.03
CA SER C 28 11.06 -28.48 7.54
C SER C 28 11.14 -27.49 8.69
N LYS C 29 12.31 -27.18 9.25
CA LYS C 29 12.36 -26.27 10.37
C LYS C 29 13.35 -25.12 10.29
N ARG C 30 14.32 -25.13 9.36
CA ARG C 30 15.32 -24.08 9.43
C ARG C 30 15.89 -23.76 8.06
N ILE C 31 16.10 -22.46 7.82
CA ILE C 31 16.88 -21.95 6.70
C ILE C 31 17.85 -20.91 7.25
N VAL C 32 18.82 -20.53 6.43
CA VAL C 32 19.44 -19.22 6.52
C VAL C 32 19.41 -18.62 5.11
N CYS C 33 18.94 -17.39 5.01
CA CYS C 33 18.84 -16.69 3.74
C CYS C 33 19.65 -15.40 3.81
N VAL C 34 19.95 -14.85 2.63
CA VAL C 34 20.70 -13.62 2.52
C VAL C 34 19.99 -12.73 1.50
N LYS C 35 19.40 -11.64 1.98
CA LYS C 35 19.14 -10.49 1.13
C LYS C 35 20.23 -9.48 1.43
N ASN C 36 20.73 -8.82 0.38
CA ASN C 36 21.86 -7.91 0.50
C ASN C 36 21.45 -6.53 -0.01
N ILE C 37 21.88 -5.51 0.72
CA ILE C 37 21.36 -4.16 0.57
C ILE C 37 22.23 -3.38 -0.39
N SER C 38 21.61 -2.50 -1.18
CA SER C 38 22.32 -1.67 -2.14
C SER C 38 21.60 -0.35 -2.32
N GLY C 39 22.30 0.59 -2.97
CA GLY C 39 21.77 1.94 -3.12
C GLY C 39 20.70 2.10 -4.17
N ASN C 40 20.71 1.24 -5.20
CA ASN C 40 19.67 1.29 -6.23
C ASN C 40 18.39 0.57 -5.85
N GLU C 41 18.13 0.36 -4.57
CA GLU C 41 16.80 -0.17 -4.37
C GLU C 41 15.79 0.97 -4.27
N PRO C 42 14.54 0.74 -4.65
CA PRO C 42 13.58 1.86 -4.73
C PRO C 42 13.25 2.50 -3.39
N VAL C 43 13.40 1.79 -2.28
CA VAL C 43 12.96 2.33 -1.01
C VAL C 43 13.85 3.47 -0.52
N PHE C 44 15.14 3.44 -0.88
CA PHE C 44 16.10 4.41 -0.37
C PHE C 44 16.00 5.77 -1.05
N VAL C 45 15.13 5.93 -2.05
CA VAL C 45 14.95 7.23 -2.66
C VAL C 45 14.20 8.16 -1.73
N GLY C 46 13.32 7.62 -0.88
CA GLY C 46 12.56 8.43 0.04
C GLY C 46 12.68 8.01 1.49
N HIS C 47 13.50 7.00 1.77
CA HIS C 47 13.73 6.56 3.15
C HIS C 47 15.22 6.27 3.33
N PHE C 48 15.99 7.29 3.68
CA PHE C 48 15.53 8.68 3.67
C PHE C 48 16.34 9.44 2.63
N PRO C 49 15.80 10.57 2.16
CA PRO C 49 16.62 11.45 1.30
C PRO C 49 17.84 12.01 2.02
N ASP C 50 17.73 12.25 3.33
CA ASP C 50 18.89 12.70 4.10
C ASP C 50 19.98 11.63 4.14
N PHE C 51 19.59 10.38 4.40
CA PHE C 51 20.52 9.26 4.36
C PHE C 51 19.70 7.97 4.39
N ALA C 52 20.27 6.91 3.82
CA ALA C 52 19.53 5.69 3.52
C ALA C 52 19.63 4.70 4.69
N ILE C 53 18.48 4.34 5.25
CA ILE C 53 18.36 3.24 6.21
C ILE C 53 17.29 2.28 5.71
N MET C 54 17.59 0.99 5.78
CA MET C 54 16.61 -0.05 5.50
C MET C 54 15.48 0.03 6.51
N PRO C 55 14.23 0.22 6.09
CA PRO C 55 13.13 0.30 7.06
C PRO C 55 12.99 -1.00 7.83
N GLY C 56 12.65 -0.85 9.12
CA GLY C 56 12.50 -2.02 9.97
C GLY C 56 11.37 -2.93 9.53
N VAL C 57 10.30 -2.36 8.97
CA VAL C 57 9.18 -3.18 8.52
C VAL C 57 9.58 -4.01 7.31
N LEU C 58 10.48 -3.50 6.46
CA LEU C 58 10.94 -4.28 5.32
C LEU C 58 11.92 -5.37 5.74
N ILE C 59 12.63 -5.17 6.86
CA ILE C 59 13.44 -6.24 7.41
C ILE C 59 12.55 -7.38 7.88
N ILE C 60 11.33 -7.07 8.30
CA ILE C 60 10.38 -8.11 8.69
C ILE C 60 9.97 -8.94 7.47
N GLU C 61 9.86 -8.30 6.30
CA GLU C 61 9.58 -9.05 5.07
C GLU C 61 10.69 -10.04 4.76
N ALA C 62 11.94 -9.62 4.86
CA ALA C 62 13.05 -10.54 4.65
C ALA C 62 12.94 -11.74 5.58
N MET C 63 12.43 -11.53 6.78
CA MET C 63 12.16 -12.64 7.69
C MET C 63 10.99 -13.48 7.19
N ALA C 64 9.89 -12.81 6.81
CA ALA C 64 8.69 -13.53 6.38
C ALA C 64 8.92 -14.25 5.05
N GLN C 65 9.71 -13.66 4.16
CA GLN C 65 9.98 -14.30 2.88
C GLN C 65 10.95 -15.47 3.04
N ALA C 66 11.89 -15.37 3.98
CA ALA C 66 12.74 -16.51 4.29
C ALA C 66 11.93 -17.65 4.89
N SER C 67 10.91 -17.30 5.66
CA SER C 67 9.98 -18.30 6.19
C SER C 67 9.23 -18.99 5.06
N ILE C 68 8.54 -18.21 4.22
CA ILE C 68 7.66 -18.79 3.21
C ILE C 68 8.42 -19.61 2.18
N ILE C 69 9.71 -19.34 1.97
CA ILE C 69 10.50 -20.21 1.10
C ILE C 69 10.59 -21.61 1.69
N LEU C 70 10.77 -21.72 3.00
CA LEU C 70 10.80 -23.03 3.65
C LEU C 70 9.49 -23.76 3.43
N PHE C 71 8.37 -23.13 3.81
CA PHE C 71 7.12 -23.86 3.96
C PHE C 71 6.58 -24.41 2.64
N ARG C 72 7.17 -24.03 1.50
CA ARG C 72 6.76 -24.59 0.23
C ARG C 72 7.95 -25.09 -0.60
N LYS C 73 9.18 -24.87 -0.14
CA LYS C 73 10.28 -25.72 -0.60
C LYS C 73 10.18 -27.11 0.02
N SER C 74 9.50 -27.20 1.17
CA SER C 74 9.05 -28.45 1.75
C SER C 74 7.53 -28.46 1.77
N LEU C 75 6.95 -29.65 1.84
CA LEU C 75 5.50 -29.81 1.94
C LEU C 75 4.78 -29.10 0.79
N ALA C 83 0.02 -21.21 -0.94
CA ALA C 83 1.32 -20.65 -1.24
C ALA C 83 1.32 -19.12 -1.19
N VAL C 84 0.26 -18.53 -0.62
CA VAL C 84 0.29 -17.16 -0.15
C VAL C 84 0.06 -17.21 1.35
N PHE C 85 1.06 -16.84 2.13
CA PHE C 85 1.05 -17.01 3.58
C PHE C 85 1.06 -15.62 4.18
N LEU C 86 -0.13 -15.12 4.54
CA LEU C 86 -0.26 -13.73 4.94
C LEU C 86 0.19 -13.53 6.38
N LEU C 87 0.81 -12.38 6.64
CA LEU C 87 1.41 -12.11 7.93
C LEU C 87 0.32 -11.85 8.96
N ALA C 88 0.30 -12.64 10.03
CA ALA C 88 -0.80 -12.62 10.98
C ALA C 88 -0.43 -12.18 12.39
N SER C 89 0.81 -12.40 12.83
CA SER C 89 1.21 -12.00 14.18
C SER C 89 2.70 -11.73 14.20
N VAL C 90 3.08 -10.58 14.73
CA VAL C 90 4.48 -10.17 14.88
C VAL C 90 4.68 -9.82 16.34
N ASN C 91 5.22 -10.75 17.11
CA ASN C 91 5.49 -10.52 18.53
C ASN C 91 6.99 -10.53 18.77
N ASN C 92 7.41 -9.78 19.78
CA ASN C 92 8.79 -9.82 20.29
C ASN C 92 9.79 -9.41 19.21
N ALA C 93 9.42 -8.42 18.40
CA ALA C 93 10.28 -7.94 17.32
C ALA C 93 11.09 -6.76 17.80
N ARG C 94 12.41 -6.88 17.79
CA ARG C 94 13.32 -5.82 18.19
C ARG C 94 14.26 -5.49 17.05
N PHE C 95 14.49 -4.20 16.84
CA PHE C 95 15.39 -3.71 15.79
C PHE C 95 16.53 -2.97 16.49
N THR C 96 17.63 -3.69 16.75
CA THR C 96 18.68 -3.15 17.60
C THR C 96 19.53 -2.11 16.87
N LYS C 97 19.80 -2.32 15.59
CA LYS C 97 20.83 -1.57 14.87
C LYS C 97 20.31 -1.16 13.50
N PRO C 98 20.81 -0.06 12.96
CA PRO C 98 20.40 0.35 11.61
C PRO C 98 21.09 -0.48 10.53
N VAL C 99 20.38 -0.64 9.41
CA VAL C 99 20.88 -1.36 8.24
C VAL C 99 21.08 -0.36 7.12
N VAL C 100 22.26 -0.39 6.51
CA VAL C 100 22.71 0.65 5.59
C VAL C 100 23.16 -0.02 4.29
N PRO C 101 23.01 0.62 3.13
CA PRO C 101 23.59 0.08 1.89
C PRO C 101 25.06 -0.29 2.08
N GLY C 102 25.45 -1.41 1.47
CA GLY C 102 26.73 -2.04 1.69
C GLY C 102 26.65 -3.22 2.64
N ASP C 103 25.70 -3.20 3.57
CA ASP C 103 25.50 -4.31 4.48
C ASP C 103 24.83 -5.49 3.78
N GLN C 104 24.74 -6.60 4.49
CA GLN C 104 24.16 -7.83 3.96
C GLN C 104 23.41 -8.52 5.10
N LEU C 105 22.11 -8.71 4.94
CA LEU C 105 21.38 -9.43 5.96
C LEU C 105 21.68 -10.93 5.87
N THR C 106 21.55 -11.62 7.00
CA THR C 106 21.72 -13.07 7.05
C THR C 106 20.55 -13.60 7.88
N ILE C 107 19.42 -13.87 7.20
CA ILE C 107 18.16 -14.16 7.87
C ILE C 107 18.10 -15.64 8.20
N GLU C 108 17.94 -15.96 9.48
CA GLU C 108 17.70 -17.31 9.96
C GLU C 108 16.27 -17.41 10.48
N VAL C 109 15.55 -18.44 10.07
CA VAL C 109 14.19 -18.70 10.54
C VAL C 109 14.11 -20.12 11.05
N ILE C 110 13.66 -20.28 12.29
CA ILE C 110 13.42 -21.59 12.88
C ILE C 110 11.91 -21.79 12.96
N VAL C 111 11.43 -22.87 12.35
CA VAL C 111 10.01 -23.21 12.44
C VAL C 111 9.74 -23.81 13.81
N GLU C 112 8.61 -23.42 14.42
CA GLU C 112 8.24 -23.96 15.71
C GLU C 112 6.94 -24.75 15.70
N LYS C 113 6.05 -24.52 14.73
CA LYS C 113 4.80 -25.28 14.66
C LYS C 113 4.10 -24.97 13.34
N ILE C 114 3.40 -25.98 12.83
CA ILE C 114 2.64 -25.93 11.59
C ILE C 114 1.19 -26.14 11.98
N VAL C 115 0.80 -25.53 13.11
CA VAL C 115 -0.41 -25.94 13.85
C VAL C 115 -1.61 -26.13 12.95
N SER C 116 -2.08 -25.06 12.31
CA SER C 116 -3.26 -25.18 11.45
C SER C 116 -3.28 -23.96 10.54
N ARG C 117 -3.03 -24.19 9.26
CA ARG C 117 -3.35 -23.19 8.25
C ARG C 117 -2.59 -21.90 8.56
N GLY C 118 -1.38 -22.11 9.06
CA GLY C 118 -0.54 -21.05 9.58
C GLY C 118 0.67 -21.70 10.22
N ALA C 119 1.61 -20.86 10.65
CA ALA C 119 2.83 -21.39 11.24
C ALA C 119 3.52 -20.34 12.10
N ILE C 120 4.01 -20.77 13.27
CA ILE C 120 4.73 -19.90 14.20
C ILE C 120 6.22 -20.15 14.02
N VAL C 121 7.00 -19.07 13.84
CA VAL C 121 8.43 -19.15 13.61
C VAL C 121 9.14 -18.09 14.43
N GLN C 122 10.43 -18.31 14.65
CA GLN C 122 11.32 -17.38 15.33
C GLN C 122 12.45 -17.03 14.37
N SER C 123 12.60 -15.75 14.05
CA SER C 123 13.59 -15.29 13.10
C SER C 123 14.60 -14.38 13.77
N VAL C 124 15.86 -14.49 13.34
CA VAL C 124 16.94 -13.63 13.80
C VAL C 124 17.75 -13.20 12.59
N VAL C 125 17.95 -11.90 12.43
CA VAL C 125 18.67 -11.33 11.29
C VAL C 125 20.02 -10.83 11.76
N LYS C 126 21.06 -11.12 10.98
CA LYS C 126 22.43 -10.87 11.36
C LYS C 126 23.17 -10.18 10.23
N VAL C 127 23.94 -9.16 10.58
CA VAL C 127 24.95 -8.58 9.70
C VAL C 127 26.25 -9.15 10.24
N GLN C 128 27.38 -8.91 9.57
CA GLN C 128 28.55 -9.77 9.50
C GLN C 128 28.77 -10.68 10.72
N GLU C 129 28.78 -10.14 11.93
CA GLU C 129 28.55 -10.98 13.10
C GLU C 129 27.43 -10.47 14.00
N LYS C 130 27.33 -9.16 14.18
CA LYS C 130 26.36 -8.61 15.12
C LYS C 130 24.94 -8.95 14.68
N VAL C 131 24.00 -8.81 15.63
CA VAL C 131 22.59 -9.08 15.37
C VAL C 131 21.86 -7.74 15.31
N VAL C 132 21.12 -7.53 14.23
CA VAL C 132 20.48 -6.23 13.98
C VAL C 132 18.98 -6.30 14.26
N ALA C 133 18.39 -7.50 14.15
CA ALA C 133 16.95 -7.62 14.36
C ALA C 133 16.59 -9.06 14.67
N LYS C 134 15.42 -9.22 15.28
CA LYS C 134 14.81 -10.52 15.50
C LYS C 134 13.30 -10.32 15.57
N ALA C 135 12.56 -11.41 15.41
CA ALA C 135 11.10 -11.37 15.48
C ALA C 135 10.57 -12.78 15.62
N ALA C 136 9.29 -12.87 16.01
CA ALA C 136 8.55 -14.12 16.08
C ALA C 136 7.29 -13.95 15.25
N LEU C 137 7.19 -14.70 14.16
CA LEU C 137 6.18 -14.48 13.14
C LEU C 137 5.19 -15.64 13.08
N THR C 138 3.97 -15.34 12.64
CA THR C 138 2.92 -16.33 12.48
C THR C 138 2.08 -15.97 11.26
N PHE C 139 1.84 -16.93 10.38
CA PHE C 139 1.24 -16.60 9.09
C PHE C 139 -0.12 -17.32 8.99
N GLY C 140 -0.71 -17.28 7.79
CA GLY C 140 -1.94 -17.98 7.49
C GLY C 140 -1.93 -18.62 6.12
N ILE C 141 -2.42 -19.86 6.00
CA ILE C 141 -2.24 -20.65 4.79
C ILE C 141 -3.56 -20.72 4.03
N VAL C 142 -3.64 -19.99 2.90
CA VAL C 142 -4.67 -20.15 1.88
C VAL C 142 -4.02 -19.76 0.55
N GLU C 143 -4.70 -20.09 -0.55
CA GLU C 143 -4.41 -19.43 -1.83
C GLU C 143 -5.61 -18.69 -2.40
N LYS C 144 -6.71 -19.39 -2.66
CA LYS C 144 -7.75 -18.86 -3.52
C LYS C 144 -9.15 -18.96 -2.95
N SER C 145 -9.38 -19.78 -1.93
CA SER C 145 -10.48 -19.51 -1.02
C SER C 145 -10.36 -18.11 -0.44
N SER C 146 -9.13 -17.57 -0.40
CA SER C 146 -8.87 -16.24 0.14
C SER C 146 -9.59 -15.14 -0.63
N LEU C 147 -9.87 -15.38 -1.92
CA LEU C 147 -10.54 -14.34 -2.71
C LEU C 147 -11.97 -14.13 -2.27
N VAL C 148 -12.76 -15.21 -2.24
CA VAL C 148 -14.15 -15.09 -1.80
C VAL C 148 -14.23 -14.65 -0.35
N LEU C 149 -13.24 -15.03 0.48
CA LEU C 149 -13.17 -14.47 1.82
C LEU C 149 -13.06 -12.95 1.74
N GLU C 150 -12.05 -12.46 1.02
CA GLU C 150 -11.93 -11.03 0.74
C GLU C 150 -13.18 -10.49 0.05
N HIS C 151 -13.86 -11.31 -0.75
CA HIS C 151 -15.15 -10.90 -1.30
C HIS C 151 -16.21 -10.78 -0.21
N HIS C 152 -16.23 -11.72 0.74
CA HIS C 152 -17.25 -11.68 1.77
C HIS C 152 -17.05 -10.53 2.74
N HIS C 153 -15.81 -10.05 2.90
CA HIS C 153 -15.58 -8.92 3.78
C HIS C 153 -16.13 -7.61 3.22
N HIS C 154 -16.47 -7.58 1.94
CA HIS C 154 -16.86 -6.34 1.27
C HIS C 154 -18.29 -6.44 0.73
#